data_1IK9
#
_entry.id   1IK9
#
_cell.length_a   45.062
_cell.length_b   79.628
_cell.length_c   242.142
_cell.angle_alpha   90.00
_cell.angle_beta   90.00
_cell.angle_gamma   90.00
#
_symmetry.space_group_name_H-M   'P 21 21 21'
#
loop_
_entity.id
_entity.type
_entity.pdbx_description
1 polymer 'DNA REPAIR PROTEIN XRCC4'
2 polymer 'DNA LIGASE IV'
3 water water
#
loop_
_entity_poly.entity_id
_entity_poly.type
_entity_poly.pdbx_seq_one_letter_code
_entity_poly.pdbx_strand_id
1 'polypeptide(L)'
;MERKISRIHLVSEPSITHFLQVSWEKTLESGFVITLTDGHSAWTGTVSESEISQEADDMAMEKGKYVGELRKALLSGAGP
ADVYTFNFSKESAYFFFEKNLKDVSFRLGSFNLEKVENPAEVIRELIAYALDTIAENQAKNEHLQKENERLLRDWNDVQG
RFEKAVSAKEALETDLYKRFILVLNEKKTKIRSLHNKLLNAAQEREKDIKQEG
;
A,B
2 'polypeptide(L)' PSTKEHFAREYDCYGDSYFIDTDLNQLKEVFSGIKNS C
#
# COMPACT_ATOMS: atom_id res chain seq x y z
N MET A 1 7.96 24.46 6.84
CA MET A 1 8.00 25.21 5.55
C MET A 1 7.41 24.32 4.45
N GLU A 2 6.14 24.53 4.13
CA GLU A 2 5.47 23.73 3.11
C GLU A 2 5.25 24.43 1.77
N ARG A 3 4.73 23.66 0.82
CA ARG A 3 4.46 24.19 -0.49
C ARG A 3 3.58 23.27 -1.31
N LYS A 4 2.87 23.87 -2.25
CA LYS A 4 2.00 23.13 -3.13
C LYS A 4 2.22 23.73 -4.50
N ILE A 5 2.38 22.87 -5.48
CA ILE A 5 2.57 23.31 -6.85
C ILE A 5 1.36 22.73 -7.55
N SER A 6 0.59 23.60 -8.17
CA SER A 6 -0.61 23.17 -8.86
C SER A 6 -0.56 23.75 -10.25
N ARG A 7 -1.30 23.11 -11.15
CA ARG A 7 -1.38 23.59 -12.48
C ARG A 7 -2.71 24.37 -12.54
N ILE A 8 -2.78 25.44 -13.33
CA ILE A 8 -4.03 26.17 -13.44
C ILE A 8 -4.25 26.75 -14.83
N HIS A 9 -5.52 27.01 -15.15
CA HIS A 9 -5.88 27.58 -16.43
C HIS A 9 -6.37 28.99 -16.23
N LEU A 10 -5.76 29.90 -16.98
CA LEU A 10 -6.13 31.30 -16.93
C LEU A 10 -7.14 31.50 -18.05
N VAL A 11 -8.13 32.36 -17.79
CA VAL A 11 -9.16 32.65 -18.78
C VAL A 11 -8.56 33.22 -20.06
N SER A 12 -7.65 34.19 -19.90
CA SER A 12 -7.02 34.84 -21.04
C SER A 12 -5.96 34.00 -21.75
N GLU A 13 -5.87 32.73 -21.40
CA GLU A 13 -4.89 31.85 -22.03
C GLU A 13 -5.29 30.41 -21.77
N PRO A 14 -6.44 29.98 -22.32
CA PRO A 14 -6.99 28.63 -22.19
C PRO A 14 -6.18 27.58 -22.94
N SER A 15 -5.32 28.05 -23.85
CA SER A 15 -4.46 27.20 -24.65
C SER A 15 -3.31 26.61 -23.83
N ILE A 16 -2.46 27.49 -23.31
CA ILE A 16 -1.31 27.11 -22.51
C ILE A 16 -1.71 26.81 -21.06
N THR A 17 -0.90 26.01 -20.39
CA THR A 17 -1.16 25.67 -18.99
C THR A 17 -0.11 26.42 -18.18
N HIS A 18 -0.47 26.90 -17.00
CA HIS A 18 0.47 27.61 -16.15
C HIS A 18 0.58 26.84 -14.84
N PHE A 19 1.56 27.22 -14.03
CA PHE A 19 1.74 26.57 -12.77
C PHE A 19 1.75 27.59 -11.66
N LEU A 20 1.19 27.20 -10.53
CA LEU A 20 1.09 28.06 -9.38
C LEU A 20 1.84 27.37 -8.26
N GLN A 21 2.72 28.09 -7.60
CA GLN A 21 3.45 27.51 -6.50
C GLN A 21 3.22 28.39 -5.27
N VAL A 22 2.59 27.81 -4.26
CA VAL A 22 2.30 28.53 -3.03
C VAL A 22 3.10 27.89 -1.90
N SER A 23 3.77 28.71 -1.11
CA SER A 23 4.54 28.19 -0.01
C SER A 23 4.33 29.02 1.26
N TRP A 24 4.25 28.35 2.40
CA TRP A 24 4.02 29.02 3.67
C TRP A 24 4.74 28.31 4.81
N GLU A 25 4.50 28.79 6.03
CA GLU A 25 5.09 28.18 7.21
C GLU A 25 3.97 27.87 8.18
N LYS A 26 3.74 26.58 8.43
CA LYS A 26 2.69 26.14 9.34
C LYS A 26 1.31 26.31 8.72
N THR A 27 0.83 27.55 8.65
CA THR A 27 -0.49 27.82 8.08
C THR A 27 -0.54 28.95 7.07
N LEU A 28 -1.54 28.90 6.19
CA LEU A 28 -1.73 29.93 5.18
C LEU A 28 -2.02 31.25 5.84
N GLU A 29 -2.75 31.16 6.95
CA GLU A 29 -3.16 32.30 7.73
C GLU A 29 -2.02 33.24 8.12
N SER A 30 -0.84 32.70 8.41
CA SER A 30 0.31 33.52 8.80
C SER A 30 0.97 34.22 7.61
N GLY A 31 0.52 33.91 6.40
CA GLY A 31 1.08 34.53 5.20
C GLY A 31 1.63 33.52 4.21
N PHE A 32 1.76 33.92 2.95
CA PHE A 32 2.29 33.00 1.97
C PHE A 32 2.90 33.71 0.77
N VAL A 33 3.74 32.97 0.04
CA VAL A 33 4.39 33.47 -1.16
C VAL A 33 3.73 32.74 -2.32
N ILE A 34 3.39 33.46 -3.37
CA ILE A 34 2.77 32.84 -4.50
C ILE A 34 3.60 33.16 -5.75
N THR A 35 3.80 32.15 -6.57
CA THR A 35 4.57 32.30 -7.79
C THR A 35 3.80 31.68 -8.95
N LEU A 36 3.83 32.38 -10.06
CA LEU A 36 3.16 31.93 -11.24
C LEU A 36 4.25 31.77 -12.29
N THR A 37 4.21 30.67 -13.05
CA THR A 37 5.17 30.47 -14.11
C THR A 37 4.53 29.85 -15.33
N ASP A 38 5.09 30.13 -16.50
CA ASP A 38 4.59 29.56 -17.74
C ASP A 38 5.72 28.73 -18.36
N GLY A 39 6.77 28.52 -17.57
CA GLY A 39 7.88 27.73 -18.05
C GLY A 39 8.96 28.57 -18.69
N HIS A 40 8.74 29.89 -18.73
CA HIS A 40 9.73 30.77 -19.29
C HIS A 40 9.95 31.96 -18.35
N SER A 41 8.86 32.56 -17.91
CA SER A 41 8.93 33.69 -17.01
C SER A 41 8.29 33.25 -15.69
N ALA A 42 8.43 34.09 -14.67
CA ALA A 42 7.83 33.81 -13.39
C ALA A 42 7.46 35.13 -12.73
N TRP A 43 6.32 35.15 -12.06
CA TRP A 43 5.82 36.34 -11.39
C TRP A 43 5.62 35.93 -9.93
N THR A 44 6.07 36.77 -9.01
CA THR A 44 5.95 36.44 -7.58
C THR A 44 5.28 37.52 -6.77
N GLY A 45 4.66 37.10 -5.69
CA GLY A 45 3.99 38.02 -4.81
C GLY A 45 3.95 37.43 -3.41
N THR A 46 3.73 38.29 -2.42
CA THR A 46 3.67 37.88 -1.03
C THR A 46 2.39 38.42 -0.41
N VAL A 47 1.85 37.69 0.56
CA VAL A 47 0.66 38.15 1.26
C VAL A 47 0.97 37.98 2.74
N SER A 48 1.00 39.08 3.48
CA SER A 48 1.31 38.98 4.90
C SER A 48 0.10 38.52 5.69
N GLU A 49 0.33 38.20 6.95
CA GLU A 49 -0.73 37.74 7.83
C GLU A 49 -1.75 38.85 8.01
N SER A 50 -1.28 40.07 8.27
CA SER A 50 -2.20 41.18 8.46
C SER A 50 -3.00 41.45 7.19
N GLU A 51 -2.38 41.28 6.03
CA GLU A 51 -3.08 41.50 4.78
C GLU A 51 -4.24 40.52 4.66
N ILE A 52 -4.01 39.30 5.12
CA ILE A 52 -5.05 38.29 5.04
C ILE A 52 -6.21 38.64 5.97
N SER A 53 -5.88 39.03 7.19
CA SER A 53 -6.90 39.38 8.17
C SER A 53 -7.74 40.56 7.63
N GLN A 54 -7.08 41.54 7.03
CA GLN A 54 -7.79 42.68 6.50
C GLN A 54 -8.69 42.30 5.34
N GLU A 55 -8.15 41.52 4.40
CA GLU A 55 -8.94 41.12 3.24
C GLU A 55 -10.19 40.37 3.66
N ALA A 56 -10.06 39.55 4.70
CA ALA A 56 -11.18 38.78 5.23
C ALA A 56 -12.24 39.75 5.73
N ASP A 57 -11.81 40.78 6.43
CA ASP A 57 -12.75 41.75 6.95
C ASP A 57 -13.44 42.47 5.79
N ASP A 58 -12.65 42.89 4.81
CA ASP A 58 -13.19 43.61 3.65
C ASP A 58 -14.16 42.77 2.85
N MET A 59 -14.10 41.45 3.03
CA MET A 59 -14.98 40.55 2.31
C MET A 59 -16.13 40.07 3.16
N ALA A 60 -16.21 40.61 4.36
CA ALA A 60 -17.26 40.25 5.30
C ALA A 60 -17.25 38.77 5.60
N MET A 61 -16.07 38.21 5.82
CA MET A 61 -15.92 36.78 6.13
C MET A 61 -15.15 36.54 7.41
N GLU A 62 -15.49 35.44 8.08
CA GLU A 62 -14.78 35.04 9.29
C GLU A 62 -13.40 34.65 8.77
N LYS A 63 -12.34 35.11 9.42
CA LYS A 63 -10.98 34.84 8.96
C LYS A 63 -10.67 33.39 8.56
N GLY A 64 -10.88 32.46 9.48
CA GLY A 64 -10.61 31.07 9.19
C GLY A 64 -11.44 30.57 8.03
N LYS A 65 -12.64 31.10 7.92
CA LYS A 65 -13.53 30.71 6.85
C LYS A 65 -12.94 31.24 5.55
N TYR A 66 -12.28 32.40 5.62
CA TYR A 66 -11.66 33.00 4.45
C TYR A 66 -10.43 32.20 4.01
N VAL A 67 -9.59 31.84 4.97
CA VAL A 67 -8.40 31.07 4.69
C VAL A 67 -8.79 29.72 4.08
N GLY A 68 -9.95 29.22 4.49
CA GLY A 68 -10.43 27.96 3.96
C GLY A 68 -10.70 28.12 2.49
N GLU A 69 -11.24 29.27 2.11
CA GLU A 69 -11.53 29.54 0.70
C GLU A 69 -10.21 29.60 -0.06
N LEU A 70 -9.21 30.24 0.53
CA LEU A 70 -7.92 30.33 -0.13
C LEU A 70 -7.34 28.92 -0.35
N ARG A 71 -7.47 28.04 0.63
CA ARG A 71 -6.93 26.69 0.49
C ARG A 71 -7.54 26.00 -0.72
N LYS A 72 -8.86 25.89 -0.73
CA LYS A 72 -9.54 25.23 -1.81
C LYS A 72 -9.21 25.83 -3.17
N ALA A 73 -9.01 27.14 -3.22
CA ALA A 73 -8.71 27.77 -4.50
C ALA A 73 -7.24 27.75 -4.93
N LEU A 74 -6.32 27.97 -4.00
CA LEU A 74 -4.90 28.01 -4.35
C LEU A 74 -4.12 26.73 -4.16
N LEU A 75 -4.50 25.92 -3.18
CA LEU A 75 -3.79 24.68 -2.91
C LEU A 75 -4.50 23.47 -3.51
N SER A 76 -5.29 23.71 -4.55
CA SER A 76 -6.04 22.64 -5.21
C SER A 76 -6.95 21.96 -4.19
N ALA A 81 -18.52 21.39 -6.20
CA ALA A 81 -19.38 22.41 -5.61
C ALA A 81 -18.67 23.77 -5.51
N ASP A 82 -17.34 23.75 -5.44
CA ASP A 82 -16.54 24.98 -5.37
C ASP A 82 -15.91 25.24 -6.73
N VAL A 83 -16.41 26.22 -7.47
CA VAL A 83 -15.84 26.54 -8.78
C VAL A 83 -15.03 27.82 -8.73
N TYR A 84 -13.77 27.76 -9.13
CA TYR A 84 -12.92 28.93 -9.12
C TYR A 84 -12.39 29.30 -10.51
N THR A 85 -12.18 30.59 -10.73
CA THR A 85 -11.68 31.12 -12.00
C THR A 85 -10.43 31.94 -11.72
N PHE A 86 -9.45 31.87 -12.62
CA PHE A 86 -8.20 32.61 -12.44
C PHE A 86 -7.87 33.48 -13.65
N ASN A 87 -7.41 34.69 -13.37
CA ASN A 87 -7.07 35.64 -14.43
C ASN A 87 -5.70 36.23 -14.20
N PHE A 88 -4.98 36.53 -15.27
CA PHE A 88 -3.65 37.12 -15.14
C PHE A 88 -3.34 37.93 -16.36
N SER A 89 -2.79 39.13 -16.13
CA SER A 89 -2.42 40.00 -17.21
C SER A 89 -0.91 40.19 -17.20
N LYS A 90 -0.24 39.70 -18.24
CA LYS A 90 1.19 39.83 -18.34
C LYS A 90 1.58 41.31 -18.44
N GLU A 91 0.65 42.12 -18.90
CA GLU A 91 0.93 43.54 -19.07
C GLU A 91 0.90 44.34 -17.78
N SER A 92 0.16 43.85 -16.79
CA SER A 92 0.07 44.55 -15.51
C SER A 92 0.65 43.70 -14.39
N ALA A 93 0.73 42.39 -14.62
CA ALA A 93 1.23 41.45 -13.62
C ALA A 93 0.19 41.25 -12.51
N TYR A 94 -1.05 41.67 -12.80
CA TYR A 94 -2.14 41.54 -11.84
C TYR A 94 -2.75 40.15 -11.94
N PHE A 95 -2.89 39.51 -10.79
CA PHE A 95 -3.43 38.16 -10.72
C PHE A 95 -4.64 38.17 -9.78
N PHE A 96 -5.75 37.61 -10.24
CA PHE A 96 -6.95 37.58 -9.41
C PHE A 96 -7.82 36.40 -9.73
N PHE A 97 -8.55 35.93 -8.73
CA PHE A 97 -9.41 34.79 -8.91
C PHE A 97 -10.76 35.01 -8.24
N GLU A 98 -11.79 34.44 -8.83
CA GLU A 98 -13.13 34.56 -8.31
C GLU A 98 -13.78 33.21 -8.05
N LYS A 99 -14.73 33.19 -7.12
CA LYS A 99 -15.44 31.95 -6.83
C LYS A 99 -16.77 32.08 -7.56
N ASN A 100 -17.08 31.12 -8.40
CA ASN A 100 -18.31 31.17 -9.15
C ASN A 100 -19.48 30.43 -8.52
N LEU A 101 -20.40 31.20 -7.95
CA LEU A 101 -21.60 30.65 -7.34
C LEU A 101 -22.69 30.71 -8.42
N LYS A 102 -23.93 30.38 -8.05
CA LYS A 102 -25.03 30.39 -9.00
C LYS A 102 -25.44 31.80 -9.45
N ASP A 103 -25.14 32.14 -10.70
CA ASP A 103 -25.43 33.45 -11.29
C ASP A 103 -24.69 34.60 -10.61
N VAL A 104 -24.08 34.32 -9.47
CA VAL A 104 -23.31 35.32 -8.74
C VAL A 104 -21.91 34.81 -8.44
N SER A 105 -20.91 35.56 -8.90
CA SER A 105 -19.53 35.21 -8.66
C SER A 105 -18.97 36.41 -7.91
N PHE A 106 -17.78 36.29 -7.35
CA PHE A 106 -17.17 37.43 -6.65
C PHE A 106 -15.67 37.33 -6.49
N ARG A 107 -15.02 38.49 -6.41
CA ARG A 107 -13.58 38.53 -6.26
C ARG A 107 -13.23 37.82 -4.96
N LEU A 108 -12.39 36.81 -5.07
CA LEU A 108 -11.98 36.05 -3.90
C LEU A 108 -10.58 36.48 -3.50
N GLY A 109 -9.74 36.76 -4.49
CA GLY A 109 -8.38 37.17 -4.20
C GLY A 109 -7.73 37.98 -5.31
N SER A 110 -6.83 38.87 -4.93
CA SER A 110 -6.14 39.71 -5.90
C SER A 110 -4.72 39.97 -5.46
N PHE A 111 -3.77 39.78 -6.38
CA PHE A 111 -2.36 39.98 -6.08
C PHE A 111 -1.65 40.73 -7.19
N ASN A 112 -0.80 41.66 -6.82
CA ASN A 112 -0.02 42.40 -7.82
C ASN A 112 1.31 41.65 -7.80
N LEU A 113 1.57 40.82 -8.81
CA LEU A 113 2.81 40.06 -8.83
C LEU A 113 3.86 40.91 -9.50
N GLU A 114 5.11 40.51 -9.34
CA GLU A 114 6.22 41.22 -9.94
C GLU A 114 6.97 40.22 -10.81
N LYS A 115 7.32 40.61 -12.03
CA LYS A 115 8.06 39.70 -12.90
C LYS A 115 9.46 39.52 -12.35
N VAL A 116 9.84 38.27 -12.16
CA VAL A 116 11.12 37.92 -11.62
C VAL A 116 12.30 38.14 -12.55
N GLU A 117 13.42 38.49 -11.95
CA GLU A 117 14.68 38.76 -12.65
C GLU A 117 15.36 37.46 -13.09
N ASN A 118 15.17 36.41 -12.29
CA ASN A 118 15.79 35.10 -12.50
C ASN A 118 14.77 33.97 -12.68
N PRO A 119 13.99 33.99 -13.77
CA PRO A 119 12.99 32.94 -14.00
C PRO A 119 13.59 31.52 -13.91
N ALA A 120 14.69 31.31 -14.63
CA ALA A 120 15.35 30.02 -14.66
C ALA A 120 15.69 29.48 -13.28
N GLU A 121 16.19 30.33 -12.41
CA GLU A 121 16.55 29.92 -11.06
C GLU A 121 15.27 29.43 -10.38
N VAL A 122 14.20 30.20 -10.55
CA VAL A 122 12.92 29.84 -9.94
C VAL A 122 12.35 28.55 -10.52
N ILE A 123 12.39 28.42 -11.84
CA ILE A 123 11.88 27.20 -12.46
C ILE A 123 12.73 26.00 -12.03
N ARG A 124 14.06 26.13 -12.05
CA ARG A 124 14.92 25.02 -11.64
C ARG A 124 14.66 24.51 -10.23
N GLU A 125 14.43 25.46 -9.32
CA GLU A 125 14.18 25.14 -7.91
C GLU A 125 12.86 24.40 -7.78
N LEU A 126 11.86 24.86 -8.53
CA LEU A 126 10.55 24.24 -8.54
C LEU A 126 10.67 22.80 -9.03
N ILE A 127 11.29 22.61 -10.19
CA ILE A 127 11.46 21.26 -10.73
C ILE A 127 12.25 20.43 -9.73
N ALA A 128 13.26 21.04 -9.11
CA ALA A 128 14.08 20.32 -8.15
C ALA A 128 13.24 19.85 -6.97
N TYR A 129 12.32 20.70 -6.51
CA TYR A 129 11.46 20.34 -5.39
C TYR A 129 10.57 19.18 -5.75
N ALA A 130 10.03 19.22 -6.96
CA ALA A 130 9.16 18.16 -7.47
C ALA A 130 9.90 16.83 -7.52
N LEU A 131 11.11 16.83 -8.08
CA LEU A 131 11.90 15.62 -8.17
C LEU A 131 12.24 15.05 -6.79
N ASP A 132 12.49 15.93 -5.83
CA ASP A 132 12.80 15.46 -4.49
C ASP A 132 11.57 14.81 -3.90
N THR A 133 10.40 15.37 -4.21
CA THR A 133 9.15 14.85 -3.70
C THR A 133 8.89 13.47 -4.30
N ILE A 134 9.10 13.35 -5.61
CA ILE A 134 8.91 12.09 -6.28
C ILE A 134 9.83 11.05 -5.63
N ALA A 135 11.02 11.50 -5.24
CA ALA A 135 12.00 10.61 -4.63
C ALA A 135 11.58 10.15 -3.24
N GLU A 136 11.21 11.09 -2.38
CA GLU A 136 10.79 10.77 -1.01
C GLU A 136 9.61 9.79 -1.04
N ASN A 137 8.70 9.98 -2.00
CA ASN A 137 7.54 9.10 -2.12
C ASN A 137 7.92 7.68 -2.47
N GLN A 138 8.77 7.52 -3.48
CA GLN A 138 9.17 6.19 -3.91
C GLN A 138 9.76 5.43 -2.74
N ALA A 139 10.66 6.08 -2.00
CA ALA A 139 11.28 5.45 -0.86
C ALA A 139 10.18 4.93 0.06
N LYS A 140 9.18 5.76 0.33
CA LYS A 140 8.09 5.39 1.21
C LYS A 140 7.27 4.23 0.64
N ASN A 141 6.94 4.28 -0.63
CA ASN A 141 6.18 3.19 -1.25
C ASN A 141 6.99 1.89 -1.24
N GLU A 142 8.32 1.99 -1.25
CA GLU A 142 9.15 0.79 -1.23
C GLU A 142 9.16 0.21 0.17
N HIS A 143 9.22 1.09 1.16
CA HIS A 143 9.22 0.70 2.55
C HIS A 143 7.89 0.04 2.91
N LEU A 144 6.83 0.48 2.24
CA LEU A 144 5.49 -0.06 2.47
C LEU A 144 5.26 -1.35 1.69
N GLN A 145 5.99 -1.50 0.59
CA GLN A 145 5.87 -2.68 -0.26
C GLN A 145 6.55 -3.86 0.45
N LYS A 146 7.61 -3.58 1.18
CA LYS A 146 8.32 -4.61 1.91
C LYS A 146 7.48 -5.01 3.12
N GLU A 147 6.92 -4.02 3.80
CA GLU A 147 6.08 -4.26 4.96
C GLU A 147 4.83 -5.01 4.53
N ASN A 148 4.46 -4.86 3.27
CA ASN A 148 3.28 -5.53 2.74
C ASN A 148 3.66 -6.99 2.57
N GLU A 149 4.78 -7.22 1.89
CA GLU A 149 5.28 -8.57 1.65
C GLU A 149 5.58 -9.32 2.93
N ARG A 150 6.02 -8.61 3.97
CA ARG A 150 6.34 -9.25 5.23
C ARG A 150 5.06 -9.75 5.90
N LEU A 151 4.00 -8.95 5.81
CA LEU A 151 2.72 -9.33 6.41
C LEU A 151 2.03 -10.44 5.61
N LEU A 152 2.20 -10.43 4.29
CA LEU A 152 1.58 -11.48 3.49
C LEU A 152 2.15 -12.82 3.94
N ARG A 153 3.45 -12.85 4.22
CA ARG A 153 4.10 -14.07 4.67
C ARG A 153 3.71 -14.39 6.12
N ASP A 154 3.87 -13.43 7.02
CA ASP A 154 3.54 -13.60 8.43
C ASP A 154 2.12 -14.08 8.67
N TRP A 155 1.25 -13.87 7.69
CA TRP A 155 -0.13 -14.32 7.79
C TRP A 155 -0.16 -15.76 7.32
N ASN A 156 0.42 -16.01 6.15
CA ASN A 156 0.48 -17.36 5.59
C ASN A 156 1.11 -18.33 6.59
N ASP A 157 2.09 -17.84 7.33
CA ASP A 157 2.81 -18.63 8.31
C ASP A 157 1.92 -19.05 9.47
N VAL A 158 1.26 -18.08 10.09
CA VAL A 158 0.38 -18.37 11.21
C VAL A 158 -0.89 -19.08 10.72
N GLN A 159 -1.29 -18.80 9.49
CA GLN A 159 -2.47 -19.46 8.93
C GLN A 159 -2.22 -20.97 8.93
N GLY A 160 -1.02 -21.37 8.50
CA GLY A 160 -0.66 -22.77 8.49
C GLY A 160 -0.63 -23.27 9.93
N ARG A 161 0.07 -22.53 10.77
CA ARG A 161 0.16 -22.87 12.18
C ARG A 161 -1.22 -23.14 12.75
N PHE A 162 -2.20 -22.40 12.26
CA PHE A 162 -3.58 -22.55 12.71
C PHE A 162 -4.14 -23.89 12.24
N GLU A 163 -4.16 -24.09 10.94
CA GLU A 163 -4.67 -25.31 10.36
C GLU A 163 -4.09 -26.55 11.04
N LYS A 164 -2.81 -26.48 11.38
CA LYS A 164 -2.12 -27.60 12.03
C LYS A 164 -2.64 -27.85 13.44
N ALA A 165 -2.92 -26.79 14.18
CA ALA A 165 -3.43 -26.90 15.54
C ALA A 165 -4.83 -27.51 15.49
N VAL A 166 -5.63 -27.07 14.52
CA VAL A 166 -6.98 -27.57 14.36
C VAL A 166 -6.96 -29.04 13.92
N SER A 167 -6.11 -29.37 12.97
CA SER A 167 -6.02 -30.75 12.49
C SER A 167 -5.54 -31.67 13.61
N ALA A 168 -4.63 -31.16 14.43
CA ALA A 168 -4.08 -31.92 15.54
C ALA A 168 -5.15 -32.18 16.59
N LYS A 169 -6.09 -31.26 16.73
CA LYS A 169 -7.17 -31.42 17.70
C LYS A 169 -8.11 -32.54 17.25
N GLU A 170 -8.50 -32.51 15.99
CA GLU A 170 -9.40 -33.50 15.44
C GLU A 170 -8.83 -34.90 15.55
N ALA A 171 -7.53 -35.04 15.29
CA ALA A 171 -6.86 -36.33 15.35
C ALA A 171 -6.84 -36.86 16.80
N LEU A 172 -6.67 -35.93 17.74
CA LEU A 172 -6.63 -36.29 19.15
C LEU A 172 -8.03 -36.60 19.66
N GLU A 173 -9.02 -35.89 19.14
CA GLU A 173 -10.39 -36.08 19.55
C GLU A 173 -10.87 -37.47 19.17
N THR A 174 -10.77 -37.78 17.88
CA THR A 174 -11.20 -39.09 17.42
C THR A 174 -10.41 -40.19 18.14
N ASP A 175 -9.14 -39.91 18.40
CA ASP A 175 -8.28 -40.88 19.08
C ASP A 175 -8.79 -41.21 20.48
N LEU A 176 -9.20 -40.18 21.20
CA LEU A 176 -9.73 -40.38 22.54
C LEU A 176 -11.04 -41.17 22.48
N TYR A 177 -12.00 -40.66 21.69
CA TYR A 177 -13.30 -41.31 21.54
C TYR A 177 -13.17 -42.78 21.20
N LYS A 178 -12.25 -43.10 20.29
CA LYS A 178 -12.03 -44.48 19.88
C LYS A 178 -11.74 -45.39 21.08
N ARG A 179 -10.92 -44.90 22.01
CA ARG A 179 -10.58 -45.68 23.20
C ARG A 179 -11.78 -45.79 24.11
N PHE A 180 -12.53 -44.71 24.23
CA PHE A 180 -13.73 -44.69 25.06
C PHE A 180 -14.76 -45.71 24.57
N ILE A 181 -15.05 -45.65 23.28
CA ILE A 181 -16.00 -46.56 22.64
C ILE A 181 -15.72 -48.02 22.99
N LEU A 182 -14.46 -48.41 22.91
CA LEU A 182 -14.07 -49.77 23.22
C LEU A 182 -14.43 -50.16 24.66
N VAL A 183 -13.97 -49.36 25.61
CA VAL A 183 -14.24 -49.65 27.01
C VAL A 183 -15.72 -49.63 27.34
N LEU A 184 -16.43 -48.61 26.86
CA LEU A 184 -17.87 -48.55 27.13
C LEU A 184 -18.58 -49.76 26.55
N ASN A 185 -18.29 -50.09 25.30
CA ASN A 185 -18.97 -51.23 24.69
C ASN A 185 -18.64 -52.58 25.34
N GLU A 186 -17.48 -52.70 25.99
CA GLU A 186 -17.13 -53.96 26.66
C GLU A 186 -18.09 -54.11 27.85
N LYS A 187 -18.34 -53.02 28.56
CA LYS A 187 -19.25 -53.04 29.70
C LYS A 187 -20.68 -53.36 29.23
N LYS A 188 -21.07 -52.82 28.08
CA LYS A 188 -22.40 -53.08 27.56
C LYS A 188 -22.54 -54.57 27.27
N THR A 189 -21.43 -55.22 26.98
CA THR A 189 -21.46 -56.66 26.73
C THR A 189 -21.83 -57.35 28.04
N LYS A 190 -21.24 -56.90 29.14
CA LYS A 190 -21.50 -57.46 30.45
C LYS A 190 -22.97 -57.25 30.84
N ILE A 191 -23.46 -56.03 30.65
CA ILE A 191 -24.83 -55.70 30.98
C ILE A 191 -25.83 -56.56 30.20
N ARG A 192 -25.62 -56.70 28.89
CA ARG A 192 -26.51 -57.54 28.11
C ARG A 192 -26.51 -58.97 28.66
N SER A 193 -25.32 -59.45 29.02
CA SER A 193 -25.18 -60.80 29.54
C SER A 193 -25.92 -60.98 30.85
N LEU A 194 -25.68 -60.09 31.81
CA LEU A 194 -26.33 -60.17 33.10
C LEU A 194 -27.84 -60.00 32.94
N HIS A 195 -28.23 -59.06 32.10
CA HIS A 195 -29.65 -58.80 31.84
C HIS A 195 -30.36 -60.07 31.45
N ASN A 196 -29.84 -60.73 30.43
CA ASN A 196 -30.44 -61.96 29.94
C ASN A 196 -30.38 -63.11 30.95
N LYS A 197 -29.39 -63.11 31.84
CA LYS A 197 -29.31 -64.17 32.84
C LYS A 197 -30.45 -63.98 33.82
N LEU A 198 -30.76 -62.72 34.09
CA LEU A 198 -31.83 -62.37 35.01
C LEU A 198 -33.19 -62.77 34.43
N LEU A 199 -33.39 -62.56 33.13
CA LEU A 199 -34.65 -62.92 32.50
C LEU A 199 -34.82 -64.43 32.61
N ASN A 200 -33.77 -65.15 32.24
CA ASN A 200 -33.77 -66.61 32.31
C ASN A 200 -34.24 -67.03 33.69
N ALA A 201 -33.67 -66.41 34.72
CA ALA A 201 -34.03 -66.75 36.09
C ALA A 201 -35.48 -66.39 36.40
N ALA A 202 -36.01 -65.38 35.72
CA ALA A 202 -37.39 -64.95 35.94
C ALA A 202 -38.34 -65.98 35.35
N GLN A 203 -38.02 -66.46 34.15
CA GLN A 203 -38.84 -67.43 33.47
C GLN A 203 -38.77 -68.77 34.22
N GLU A 204 -37.67 -68.99 34.91
CA GLU A 204 -37.49 -70.21 35.69
C GLU A 204 -38.45 -70.19 36.88
N ARG A 205 -38.53 -69.05 37.55
CA ARG A 205 -39.43 -68.92 38.69
C ARG A 205 -40.89 -69.04 38.23
N GLU A 206 -41.20 -68.51 37.06
CA GLU A 206 -42.57 -68.59 36.54
C GLU A 206 -42.97 -70.03 36.20
N LYS A 207 -42.02 -70.84 35.76
CA LYS A 207 -42.33 -72.22 35.44
C LYS A 207 -42.63 -72.99 36.74
N ASP A 208 -41.92 -72.65 37.81
CA ASP A 208 -42.12 -73.29 39.13
C ASP A 208 -43.48 -72.96 39.73
N ILE A 209 -44.00 -71.81 39.38
CA ILE A 209 -45.29 -71.37 39.89
C ILE A 209 -46.45 -71.99 39.11
N LYS A 210 -46.23 -72.27 37.84
CA LYS A 210 -47.28 -72.84 36.99
C LYS A 210 -47.43 -74.35 37.03
N GLN A 211 -46.46 -75.07 37.59
CA GLN A 211 -46.59 -76.52 37.61
C GLN A 211 -46.12 -77.14 38.92
N MET B 1 5.12 4.08 -22.64
CA MET B 1 6.34 4.93 -22.75
C MET B 1 6.77 5.44 -21.37
N GLU B 2 8.03 5.20 -21.03
CA GLU B 2 8.55 5.59 -19.73
C GLU B 2 9.57 6.73 -19.82
N ARG B 3 9.87 7.32 -18.68
CA ARG B 3 10.86 8.40 -18.63
C ARG B 3 11.47 8.55 -17.26
N LYS B 4 12.69 9.10 -17.25
CA LYS B 4 13.40 9.37 -16.02
C LYS B 4 13.95 10.78 -16.16
N ILE B 5 13.84 11.54 -15.07
CA ILE B 5 14.33 12.91 -15.04
C ILE B 5 15.37 12.97 -13.94
N SER B 6 16.61 13.26 -14.29
CA SER B 6 17.66 13.30 -13.28
C SER B 6 18.21 14.71 -13.17
N ARG B 7 18.73 15.01 -11.99
CA ARG B 7 19.33 16.29 -11.73
C ARG B 7 20.82 16.03 -11.91
N ILE B 8 21.50 16.84 -12.73
CA ILE B 8 22.94 16.62 -12.92
C ILE B 8 23.73 17.91 -12.87
N HIS B 9 25.03 17.77 -12.82
CA HIS B 9 25.93 18.91 -12.78
C HIS B 9 26.89 18.78 -13.95
N LEU B 10 27.06 19.85 -14.70
CA LEU B 10 27.98 19.85 -15.82
C LEU B 10 29.33 20.31 -15.32
N VAL B 11 30.39 19.75 -15.90
CA VAL B 11 31.75 20.10 -15.52
C VAL B 11 32.04 21.59 -15.70
N SER B 12 31.49 22.17 -16.76
CA SER B 12 31.72 23.57 -17.06
C SER B 12 30.73 24.54 -16.40
N GLU B 13 30.03 24.09 -15.36
CA GLU B 13 29.05 24.93 -14.67
C GLU B 13 28.60 24.26 -13.40
N PRO B 14 29.55 23.90 -12.53
CA PRO B 14 29.24 23.24 -11.26
C PRO B 14 28.24 24.05 -10.45
N SER B 15 28.21 25.35 -10.75
CA SER B 15 27.32 26.29 -10.09
C SER B 15 25.85 25.90 -10.28
N ILE B 16 25.39 25.99 -11.54
CA ILE B 16 24.01 25.67 -11.91
C ILE B 16 23.66 24.20 -11.96
N THR B 17 22.40 23.87 -11.69
CA THR B 17 21.93 22.50 -11.76
C THR B 17 21.20 22.36 -13.08
N HIS B 18 21.37 21.23 -13.76
CA HIS B 18 20.68 21.01 -15.03
C HIS B 18 19.82 19.78 -14.86
N PHE B 19 18.87 19.59 -15.75
CA PHE B 19 18.00 18.43 -15.67
C PHE B 19 18.12 17.61 -16.94
N LEU B 20 18.26 16.32 -16.77
CA LEU B 20 18.38 15.41 -17.90
C LEU B 20 17.11 14.58 -17.88
N GLN B 21 16.39 14.58 -18.99
CA GLN B 21 15.18 13.80 -19.10
C GLN B 21 15.39 12.76 -20.21
N VAL B 22 15.23 11.49 -19.88
CA VAL B 22 15.38 10.42 -20.87
C VAL B 22 14.06 9.68 -21.01
N SER B 23 13.59 9.51 -22.23
CA SER B 23 12.32 8.81 -22.43
C SER B 23 12.48 7.71 -23.46
N TRP B 24 11.70 6.65 -23.29
CA TRP B 24 11.77 5.50 -24.18
C TRP B 24 10.50 4.66 -24.15
N GLU B 25 10.49 3.62 -24.99
CA GLU B 25 9.36 2.69 -25.08
C GLU B 25 9.91 1.27 -24.86
N LYS B 26 9.41 0.60 -23.82
CA LYS B 26 9.83 -0.75 -23.48
C LYS B 26 11.24 -0.77 -22.89
N THR B 27 12.24 -0.68 -23.76
CA THR B 27 13.62 -0.69 -23.29
C THR B 27 14.47 0.33 -24.04
N LEU B 28 15.50 0.84 -23.38
CA LEU B 28 16.37 1.82 -24.00
C LEU B 28 16.94 1.21 -25.27
N GLU B 29 17.03 -0.12 -25.29
CA GLU B 29 17.58 -0.82 -26.43
C GLU B 29 16.94 -0.45 -27.76
N SER B 30 15.64 -0.15 -27.75
CA SER B 30 14.93 0.21 -28.98
C SER B 30 14.95 1.71 -29.28
N GLY B 31 15.93 2.41 -28.71
CA GLY B 31 16.02 3.84 -28.94
C GLY B 31 15.41 4.66 -27.82
N PHE B 32 15.88 5.89 -27.70
CA PHE B 32 15.36 6.78 -26.66
C PHE B 32 15.59 8.24 -27.04
N VAL B 33 14.88 9.12 -26.34
CA VAL B 33 15.01 10.55 -26.56
C VAL B 33 15.59 11.17 -25.29
N ILE B 34 16.62 11.97 -25.44
CA ILE B 34 17.24 12.60 -24.29
C ILE B 34 17.09 14.11 -24.45
N THR B 35 16.72 14.77 -23.35
CA THR B 35 16.53 16.22 -23.31
C THR B 35 17.29 16.83 -22.12
N LEU B 36 18.03 17.90 -22.41
CA LEU B 36 18.80 18.60 -21.41
C LEU B 36 18.20 19.98 -21.23
N THR B 37 17.94 20.39 -19.99
CA THR B 37 17.42 21.73 -19.79
C THR B 37 17.97 22.40 -18.54
N ASP B 38 18.05 23.71 -18.59
CA ASP B 38 18.51 24.53 -17.48
C ASP B 38 17.36 25.40 -16.99
N GLY B 39 16.14 25.04 -17.40
CA GLY B 39 14.98 25.81 -16.97
C GLY B 39 14.72 27.03 -17.84
N HIS B 40 15.55 27.23 -18.85
CA HIS B 40 15.37 28.35 -19.76
C HIS B 40 15.43 27.79 -21.18
N SER B 41 16.55 27.17 -21.52
CA SER B 41 16.71 26.58 -22.83
C SER B 41 16.57 25.06 -22.69
N ALA B 42 16.53 24.36 -23.81
CA ALA B 42 16.43 22.93 -23.79
C ALA B 42 17.08 22.40 -25.06
N TRP B 43 17.74 21.26 -24.93
CA TRP B 43 18.41 20.64 -26.06
C TRP B 43 17.92 19.19 -26.11
N THR B 44 17.60 18.72 -27.31
CA THR B 44 17.11 17.37 -27.47
C THR B 44 17.89 16.53 -28.47
N GLY B 45 17.74 15.23 -28.35
CA GLY B 45 18.41 14.32 -29.26
C GLY B 45 17.67 13.02 -29.28
N THR B 46 17.65 12.37 -30.43
CA THR B 46 16.99 11.09 -30.54
C THR B 46 18.05 10.06 -30.86
N VAL B 47 18.00 8.94 -30.15
CA VAL B 47 18.96 7.87 -30.39
C VAL B 47 18.16 6.65 -30.86
N SER B 48 18.35 6.26 -32.12
CA SER B 48 17.62 5.13 -32.72
C SER B 48 18.13 3.78 -32.29
N GLU B 49 17.27 2.77 -32.43
CA GLU B 49 17.66 1.40 -32.07
C GLU B 49 18.88 1.06 -32.91
N SER B 50 18.89 1.59 -34.13
CA SER B 50 19.98 1.40 -35.06
C SER B 50 21.29 1.92 -34.47
N GLU B 51 21.30 3.19 -34.09
CA GLU B 51 22.51 3.80 -33.52
C GLU B 51 23.02 3.09 -32.27
N ILE B 52 22.12 2.78 -31.35
CA ILE B 52 22.51 2.10 -30.13
C ILE B 52 23.32 0.86 -30.44
N SER B 53 22.71 -0.09 -31.14
CA SER B 53 23.39 -1.33 -31.50
C SER B 53 24.65 -1.03 -32.31
N GLN B 54 24.68 0.10 -33.01
CA GLN B 54 25.86 0.45 -33.79
C GLN B 54 26.96 0.77 -32.80
N GLU B 55 26.59 1.43 -31.71
CA GLU B 55 27.56 1.78 -30.69
C GLU B 55 28.04 0.54 -29.98
N ALA B 56 27.14 -0.42 -29.78
CA ALA B 56 27.49 -1.67 -29.12
C ALA B 56 28.50 -2.47 -29.93
N ASP B 57 28.65 -2.11 -31.20
CA ASP B 57 29.61 -2.79 -32.10
C ASP B 57 30.96 -2.10 -32.06
N ASP B 58 30.94 -0.79 -32.09
CA ASP B 58 32.16 0.00 -32.09
C ASP B 58 32.93 -0.24 -30.78
N MET B 59 32.20 -0.62 -29.74
CA MET B 59 32.81 -0.89 -28.45
C MET B 59 33.26 -2.35 -28.37
N ALA B 60 32.45 -3.23 -28.96
CA ALA B 60 32.66 -4.68 -28.97
C ALA B 60 32.00 -5.24 -27.72
N MET B 61 30.93 -4.56 -27.28
CA MET B 61 30.15 -4.97 -26.12
C MET B 61 28.81 -5.55 -26.55
N GLU B 62 28.28 -6.49 -25.77
CA GLU B 62 26.98 -7.06 -26.09
C GLU B 62 26.00 -5.90 -25.99
N LYS B 63 25.05 -5.82 -26.91
CA LYS B 63 24.09 -4.74 -26.89
C LYS B 63 23.50 -4.66 -25.49
N GLY B 64 23.49 -5.78 -24.79
CA GLY B 64 22.94 -5.80 -23.45
C GLY B 64 23.83 -5.10 -22.43
N LYS B 65 25.10 -5.48 -22.42
CA LYS B 65 26.07 -4.91 -21.49
C LYS B 65 26.18 -3.40 -21.71
N TYR B 66 26.18 -2.99 -22.97
CA TYR B 66 26.29 -1.57 -23.33
C TYR B 66 25.08 -0.73 -22.89
N VAL B 67 23.88 -1.28 -23.09
CA VAL B 67 22.67 -0.58 -22.69
C VAL B 67 22.65 -0.50 -21.17
N GLY B 68 23.31 -1.47 -20.53
CA GLY B 68 23.35 -1.48 -19.07
C GLY B 68 24.13 -0.29 -18.54
N GLU B 69 25.23 0.04 -19.20
CA GLU B 69 26.03 1.17 -18.77
C GLU B 69 25.28 2.48 -18.94
N LEU B 70 24.50 2.57 -20.02
CA LEU B 70 23.72 3.78 -20.27
C LEU B 70 22.65 3.95 -19.20
N ARG B 71 22.04 2.85 -18.79
CA ARG B 71 21.01 2.92 -17.77
C ARG B 71 21.59 3.49 -16.47
N LYS B 72 22.79 3.04 -16.13
CA LYS B 72 23.44 3.50 -14.91
C LYS B 72 23.87 4.95 -14.99
N ALA B 73 24.33 5.37 -16.17
CA ALA B 73 24.79 6.73 -16.38
C ALA B 73 23.71 7.78 -16.67
N LEU B 74 22.68 7.40 -17.42
CA LEU B 74 21.62 8.34 -17.81
C LEU B 74 20.32 8.35 -17.01
N LEU B 75 19.99 7.23 -16.37
CA LEU B 75 18.75 7.17 -15.60
C LEU B 75 19.02 7.26 -14.10
N SER B 76 20.27 7.57 -13.73
CA SER B 76 20.68 7.67 -12.33
C SER B 76 19.97 6.65 -11.45
N VAL B 83 30.84 6.79 -10.25
CA VAL B 83 30.65 8.22 -10.39
C VAL B 83 30.66 8.58 -11.86
N TYR B 84 29.60 9.23 -12.31
CA TYR B 84 29.49 9.62 -13.70
C TYR B 84 29.66 11.13 -13.85
N THR B 85 30.39 11.52 -14.88
CA THR B 85 30.70 12.90 -15.17
C THR B 85 30.01 13.38 -16.47
N PHE B 86 29.46 14.59 -16.44
CA PHE B 86 28.76 15.13 -17.60
C PHE B 86 29.31 16.45 -18.15
N ASN B 87 29.43 16.52 -19.47
CA ASN B 87 29.95 17.70 -20.14
C ASN B 87 29.01 18.12 -21.26
N PHE B 88 28.83 19.43 -21.39
CA PHE B 88 27.98 19.99 -22.42
C PHE B 88 28.53 21.34 -22.84
N SER B 89 28.56 21.57 -24.14
CA SER B 89 29.01 22.83 -24.70
C SER B 89 27.77 23.46 -25.32
N LYS B 90 27.37 24.63 -24.83
CA LYS B 90 26.19 25.27 -25.37
C LYS B 90 26.44 25.73 -26.80
N GLU B 91 27.71 25.88 -27.15
CA GLU B 91 28.07 26.34 -28.49
C GLU B 91 28.09 25.25 -29.56
N SER B 92 28.35 24.01 -29.17
CA SER B 92 28.39 22.92 -30.13
C SER B 92 27.19 22.00 -29.93
N ALA B 93 26.58 22.10 -28.75
CA ALA B 93 25.43 21.28 -28.38
C ALA B 93 25.85 19.83 -28.20
N TYR B 94 27.15 19.60 -28.16
CA TYR B 94 27.69 18.25 -27.98
C TYR B 94 27.66 17.85 -26.50
N PHE B 95 27.04 16.72 -26.21
CA PHE B 95 26.93 16.24 -24.84
C PHE B 95 27.67 14.92 -24.67
N PHE B 96 28.49 14.83 -23.63
CA PHE B 96 29.18 13.57 -23.41
C PHE B 96 29.40 13.35 -21.93
N PHE B 97 29.40 12.08 -21.54
CA PHE B 97 29.60 11.71 -20.15
C PHE B 97 30.67 10.64 -20.07
N GLU B 98 31.34 10.58 -18.93
CA GLU B 98 32.38 9.60 -18.74
C GLU B 98 32.23 8.86 -17.42
N LYS B 99 32.95 7.77 -17.29
CA LYS B 99 32.91 7.00 -16.06
C LYS B 99 34.23 7.27 -15.36
N ASN B 100 34.20 7.31 -14.03
CA ASN B 100 35.41 7.59 -13.28
C ASN B 100 35.61 6.51 -12.25
N LEU B 101 36.68 5.73 -12.43
CA LEU B 101 37.02 4.66 -11.51
C LEU B 101 38.24 5.11 -10.70
N LYS B 102 38.78 4.21 -9.90
CA LYS B 102 39.95 4.54 -9.10
C LYS B 102 41.18 4.76 -9.97
N ASP B 103 41.59 6.02 -10.10
CA ASP B 103 42.76 6.40 -10.90
C ASP B 103 42.59 6.50 -12.42
N VAL B 104 41.40 6.24 -12.93
CA VAL B 104 41.17 6.36 -14.36
C VAL B 104 39.76 6.84 -14.66
N SER B 105 39.59 7.37 -15.88
CA SER B 105 38.31 7.87 -16.33
C SER B 105 38.25 7.63 -17.82
N PHE B 106 37.05 7.45 -18.36
CA PHE B 106 36.93 7.24 -19.80
C PHE B 106 35.57 7.63 -20.37
N ARG B 107 35.60 8.25 -21.54
CA ARG B 107 34.41 8.68 -22.26
C ARG B 107 33.51 7.46 -22.37
N LEU B 108 32.25 7.60 -21.96
CA LEU B 108 31.33 6.48 -22.01
C LEU B 108 30.30 6.66 -23.11
N GLY B 109 30.18 7.89 -23.61
CA GLY B 109 29.21 8.13 -24.65
C GLY B 109 28.99 9.59 -24.94
N SER B 110 28.29 9.87 -26.03
CA SER B 110 28.04 11.24 -26.40
C SER B 110 26.84 11.36 -27.34
N PHE B 111 26.27 12.56 -27.41
CA PHE B 111 25.14 12.83 -28.26
C PHE B 111 25.22 14.21 -28.86
N ASN B 112 24.79 14.36 -30.10
CA ASN B 112 24.76 15.68 -30.71
C ASN B 112 23.34 16.11 -30.45
N LEU B 113 23.17 17.05 -29.53
CA LEU B 113 21.83 17.52 -29.20
C LEU B 113 21.57 18.75 -30.03
N GLU B 114 20.30 19.10 -30.16
CA GLU B 114 19.94 20.27 -30.93
C GLU B 114 19.08 21.18 -30.06
N LYS B 115 19.32 22.48 -30.16
CA LYS B 115 18.55 23.42 -29.35
C LYS B 115 17.09 23.47 -29.75
N VAL B 116 16.21 23.21 -28.79
CA VAL B 116 14.76 23.20 -28.99
C VAL B 116 14.21 24.59 -29.32
N GLU B 117 13.23 24.64 -30.20
CA GLU B 117 12.61 25.90 -30.61
C GLU B 117 11.70 26.51 -29.54
N ASN B 118 10.91 25.69 -28.86
CA ASN B 118 10.03 26.18 -27.78
C ASN B 118 10.35 25.50 -26.45
N PRO B 119 11.38 26.00 -25.75
CA PRO B 119 11.80 25.43 -24.46
C PRO B 119 10.67 25.43 -23.45
N ALA B 120 9.95 26.55 -23.37
CA ALA B 120 8.86 26.67 -22.42
C ALA B 120 7.89 25.51 -22.51
N GLU B 121 7.60 25.08 -23.74
CA GLU B 121 6.67 23.97 -23.94
C GLU B 121 7.28 22.75 -23.26
N VAL B 122 8.54 22.48 -23.57
CA VAL B 122 9.26 21.35 -22.98
C VAL B 122 9.31 21.43 -21.46
N ILE B 123 9.66 22.59 -20.95
CA ILE B 123 9.73 22.73 -19.50
C ILE B 123 8.35 22.55 -18.87
N ARG B 124 7.31 23.03 -19.54
CA ARG B 124 5.96 22.89 -19.02
C ARG B 124 5.51 21.43 -19.00
N GLU B 125 5.91 20.68 -20.01
CA GLU B 125 5.50 19.28 -20.07
C GLU B 125 6.26 18.50 -19.00
N LEU B 126 7.52 18.86 -18.77
CA LEU B 126 8.33 18.19 -17.75
C LEU B 126 7.72 18.42 -16.37
N ILE B 127 7.39 19.68 -16.06
CA ILE B 127 6.79 19.99 -14.76
C ILE B 127 5.46 19.26 -14.63
N ALA B 128 4.68 19.24 -15.71
CA ALA B 128 3.38 18.57 -15.68
C ALA B 128 3.54 17.10 -15.35
N TYR B 129 4.54 16.47 -15.96
CA TYR B 129 4.79 15.06 -15.71
C TYR B 129 5.09 14.84 -14.24
N ALA B 130 6.01 15.63 -13.69
CA ALA B 130 6.39 15.51 -12.29
C ALA B 130 5.19 15.64 -11.34
N LEU B 131 4.28 16.56 -11.64
CA LEU B 131 3.09 16.72 -10.78
C LEU B 131 2.17 15.50 -10.90
N ASP B 132 2.03 14.94 -12.11
CA ASP B 132 1.19 13.77 -12.26
C ASP B 132 1.82 12.63 -11.48
N THR B 133 3.13 12.50 -11.59
CA THR B 133 3.83 11.44 -10.89
C THR B 133 3.65 11.57 -9.39
N ILE B 134 3.75 12.79 -8.88
CA ILE B 134 3.59 13.01 -7.46
C ILE B 134 2.16 12.61 -7.08
N ALA B 135 1.21 12.89 -7.95
CA ALA B 135 -0.19 12.56 -7.70
C ALA B 135 -0.39 11.05 -7.65
N GLU B 136 0.10 10.36 -8.68
CA GLU B 136 -0.04 8.92 -8.75
C GLU B 136 0.65 8.22 -7.58
N ASN B 137 1.85 8.67 -7.25
CA ASN B 137 2.59 8.06 -6.16
C ASN B 137 1.92 8.26 -4.82
N GLN B 138 1.28 9.41 -4.63
CA GLN B 138 0.61 9.68 -3.37
C GLN B 138 -0.63 8.80 -3.23
N ALA B 139 -1.26 8.47 -4.36
CA ALA B 139 -2.44 7.62 -4.35
C ALA B 139 -2.03 6.20 -3.95
N LYS B 140 -1.00 5.69 -4.60
CA LYS B 140 -0.50 4.35 -4.31
C LYS B 140 -0.10 4.26 -2.84
N ASN B 141 0.53 5.31 -2.33
CA ASN B 141 0.95 5.32 -0.94
C ASN B 141 -0.25 5.15 -0.02
N GLU B 142 -1.42 5.48 -0.54
CA GLU B 142 -2.64 5.36 0.25
C GLU B 142 -3.15 3.93 0.13
N HIS B 143 -3.24 3.43 -1.09
CA HIS B 143 -3.71 2.08 -1.33
C HIS B 143 -2.89 1.08 -0.53
N LEU B 144 -1.56 1.18 -0.62
CA LEU B 144 -0.67 0.28 0.09
C LEU B 144 -0.72 0.50 1.59
N GLN B 145 -1.08 1.71 1.99
CA GLN B 145 -1.17 2.05 3.41
C GLN B 145 -2.38 1.36 4.05
N LYS B 146 -3.43 1.18 3.26
CA LYS B 146 -4.63 0.54 3.77
C LYS B 146 -4.45 -0.97 3.77
N GLU B 147 -3.82 -1.50 2.73
CA GLU B 147 -3.58 -2.94 2.67
C GLU B 147 -2.71 -3.32 3.86
N ASN B 148 -1.77 -2.45 4.19
CA ASN B 148 -0.90 -2.70 5.33
C ASN B 148 -1.75 -2.78 6.59
N GLU B 149 -2.86 -2.04 6.58
CA GLU B 149 -3.78 -2.03 7.71
C GLU B 149 -4.67 -3.28 7.73
N ARG B 150 -5.19 -3.64 6.56
CA ARG B 150 -6.04 -4.82 6.44
C ARG B 150 -5.25 -6.03 6.92
N LEU B 151 -4.06 -6.22 6.33
CA LEU B 151 -3.20 -7.34 6.69
C LEU B 151 -2.90 -7.35 8.18
N LEU B 152 -2.65 -6.17 8.75
CA LEU B 152 -2.37 -6.11 10.18
C LEU B 152 -3.53 -6.69 10.95
N ARG B 153 -4.75 -6.26 10.60
CA ARG B 153 -5.95 -6.76 11.27
C ARG B 153 -6.12 -8.26 11.01
N ASP B 154 -6.14 -8.64 9.73
CA ASP B 154 -6.30 -10.04 9.34
C ASP B 154 -5.35 -10.96 10.12
N TRP B 155 -4.13 -10.48 10.36
CA TRP B 155 -3.13 -11.26 11.08
C TRP B 155 -3.60 -11.48 12.51
N ASN B 156 -3.92 -10.39 13.21
CA ASN B 156 -4.37 -10.47 14.59
C ASN B 156 -5.52 -11.45 14.72
N ASP B 157 -6.42 -11.43 13.74
CA ASP B 157 -7.58 -12.31 13.72
C ASP B 157 -7.11 -13.74 13.86
N VAL B 158 -6.48 -14.24 12.80
CA VAL B 158 -5.95 -15.59 12.76
C VAL B 158 -5.11 -15.94 13.98
N GLN B 159 -4.22 -15.03 14.38
CA GLN B 159 -3.38 -15.26 15.55
C GLN B 159 -4.27 -15.56 16.75
N GLY B 160 -5.40 -14.88 16.81
CA GLY B 160 -6.34 -15.11 17.89
C GLY B 160 -6.92 -16.50 17.74
N ARG B 161 -7.33 -16.84 16.52
CA ARG B 161 -7.87 -18.17 16.24
C ARG B 161 -6.88 -19.22 16.72
N PHE B 162 -5.62 -19.02 16.39
CA PHE B 162 -4.53 -19.91 16.78
C PHE B 162 -4.52 -20.08 18.28
N GLU B 163 -4.38 -18.96 19.00
CA GLU B 163 -4.36 -18.96 20.46
C GLU B 163 -5.54 -19.80 20.99
N LYS B 164 -6.73 -19.47 20.51
CA LYS B 164 -7.93 -20.18 20.94
C LYS B 164 -7.91 -21.67 20.58
N ALA B 165 -7.40 -22.00 19.39
CA ALA B 165 -7.34 -23.39 18.95
C ALA B 165 -6.34 -24.23 19.73
N VAL B 166 -5.15 -23.68 19.96
CA VAL B 166 -4.15 -24.44 20.70
C VAL B 166 -4.59 -24.65 22.15
N SER B 167 -5.27 -23.65 22.72
CA SER B 167 -5.73 -23.76 24.10
C SER B 167 -6.91 -24.74 24.21
N ALA B 168 -7.53 -25.06 23.09
CA ALA B 168 -8.66 -25.98 23.09
C ALA B 168 -8.15 -27.42 22.96
N LYS B 169 -7.04 -27.59 22.25
CA LYS B 169 -6.45 -28.92 22.07
C LYS B 169 -5.78 -29.33 23.38
N GLU B 170 -5.59 -28.37 24.28
CA GLU B 170 -4.95 -28.63 25.56
C GLU B 170 -5.97 -28.81 26.68
N ALA B 171 -7.24 -28.60 26.36
CA ALA B 171 -8.30 -28.76 27.34
C ALA B 171 -9.14 -29.99 26.99
N LEU B 172 -8.87 -30.55 25.82
CA LEU B 172 -9.61 -31.70 25.32
C LEU B 172 -9.49 -32.96 26.17
N GLU B 173 -8.28 -33.52 26.24
CA GLU B 173 -8.04 -34.73 27.01
C GLU B 173 -8.70 -34.67 28.38
N THR B 174 -8.46 -33.59 29.11
CA THR B 174 -9.02 -33.45 30.43
C THR B 174 -10.55 -33.34 30.45
N ASP B 175 -11.13 -32.59 29.52
CA ASP B 175 -12.58 -32.44 29.48
C ASP B 175 -13.34 -33.67 28.96
N LEU B 176 -12.76 -34.37 28.00
CA LEU B 176 -13.42 -35.54 27.48
C LEU B 176 -13.32 -36.71 28.46
N TYR B 177 -12.22 -36.78 29.20
CA TYR B 177 -12.03 -37.88 30.14
C TYR B 177 -13.00 -37.83 31.30
N LYS B 178 -13.38 -36.63 31.74
CA LYS B 178 -14.33 -36.53 32.84
C LYS B 178 -15.66 -37.14 32.38
N ARG B 179 -16.10 -36.73 31.20
CA ARG B 179 -17.36 -37.21 30.65
C ARG B 179 -17.31 -38.73 30.51
N PHE B 180 -16.21 -39.24 30.00
CA PHE B 180 -16.04 -40.69 29.86
C PHE B 180 -16.22 -41.36 31.22
N ILE B 181 -15.66 -40.77 32.26
CA ILE B 181 -15.77 -41.32 33.60
C ILE B 181 -17.23 -41.32 34.04
N LEU B 182 -17.95 -40.27 33.67
CA LEU B 182 -19.35 -40.16 34.04
C LEU B 182 -20.19 -41.24 33.36
N VAL B 183 -20.08 -41.34 32.04
CA VAL B 183 -20.84 -42.34 31.30
C VAL B 183 -20.45 -43.71 31.81
N LEU B 184 -19.14 -43.95 31.92
CA LEU B 184 -18.60 -45.22 32.41
C LEU B 184 -19.14 -45.62 33.78
N ASN B 185 -19.16 -44.69 34.72
CA ASN B 185 -19.68 -45.00 36.04
C ASN B 185 -21.11 -45.50 35.97
N GLU B 186 -21.88 -44.96 35.02
CA GLU B 186 -23.27 -45.38 34.90
C GLU B 186 -23.37 -46.83 34.47
N LYS B 187 -22.50 -47.25 33.57
CA LYS B 187 -22.49 -48.63 33.11
C LYS B 187 -22.15 -49.53 34.29
N LYS B 188 -21.20 -49.10 35.12
CA LYS B 188 -20.77 -49.89 36.28
C LYS B 188 -21.87 -50.08 37.30
N THR B 189 -22.64 -49.02 37.53
CA THR B 189 -23.74 -49.08 38.48
C THR B 189 -24.79 -50.07 37.99
N LYS B 190 -25.07 -50.04 36.69
CA LYS B 190 -26.06 -50.96 36.14
C LYS B 190 -25.54 -52.38 36.28
N ILE B 191 -24.23 -52.56 36.11
CA ILE B 191 -23.65 -53.89 36.22
C ILE B 191 -23.75 -54.38 37.66
N ARG B 192 -23.57 -53.47 38.60
CA ARG B 192 -23.65 -53.83 40.00
C ARG B 192 -25.07 -54.24 40.38
N SER B 193 -26.05 -53.38 40.08
CA SER B 193 -27.43 -53.70 40.40
C SER B 193 -27.86 -55.02 39.75
N LEU B 194 -27.41 -55.29 38.52
CA LEU B 194 -27.79 -56.56 37.90
C LEU B 194 -27.17 -57.73 38.66
N HIS B 195 -25.90 -57.61 39.04
CA HIS B 195 -25.23 -58.67 39.80
C HIS B 195 -26.03 -58.86 41.08
N ASN B 196 -26.36 -57.73 41.70
CA ASN B 196 -27.13 -57.70 42.94
C ASN B 196 -28.45 -58.45 42.77
N LYS B 197 -29.16 -58.17 41.67
CA LYS B 197 -30.43 -58.82 41.40
C LYS B 197 -30.28 -60.30 41.11
N LEU B 198 -29.14 -60.70 40.55
CA LEU B 198 -28.92 -62.12 40.26
C LEU B 198 -28.60 -62.86 41.55
N LEU B 199 -28.15 -62.13 42.56
CA LEU B 199 -27.83 -62.72 43.85
C LEU B 199 -29.14 -62.79 44.64
N ASN B 200 -30.09 -61.95 44.26
CA ASN B 200 -31.39 -61.97 44.91
C ASN B 200 -31.92 -63.39 44.74
N ALA B 201 -32.24 -63.75 43.50
CA ALA B 201 -32.75 -65.09 43.20
C ALA B 201 -31.65 -66.13 43.35
N ALA C 8 -37.16 -51.94 33.23
CA ALA C 8 -35.70 -51.67 32.99
C ALA C 8 -35.53 -50.53 31.99
N ARG C 9 -34.52 -49.69 32.20
CA ARG C 9 -34.26 -48.56 31.31
C ARG C 9 -33.32 -48.93 30.15
N GLU C 10 -33.48 -48.24 29.03
CA GLU C 10 -32.63 -48.47 27.87
C GLU C 10 -31.43 -47.53 27.94
N TYR C 11 -31.67 -46.29 28.38
CA TYR C 11 -30.60 -45.30 28.45
C TYR C 11 -30.25 -44.85 29.86
N ASP C 12 -29.05 -44.29 30.02
CA ASP C 12 -28.61 -43.78 31.31
C ASP C 12 -28.93 -42.29 31.34
N CYS C 13 -28.81 -41.68 32.51
CA CYS C 13 -29.09 -40.26 32.68
C CYS C 13 -28.45 -39.34 31.64
N TYR C 14 -27.43 -39.83 30.94
CA TYR C 14 -26.77 -38.99 29.95
C TYR C 14 -27.20 -39.31 28.50
N GLY C 15 -27.93 -40.40 28.33
CA GLY C 15 -28.35 -40.74 26.98
C GLY C 15 -27.53 -41.84 26.32
N ASP C 16 -26.66 -42.52 27.08
CA ASP C 16 -25.87 -43.61 26.51
C ASP C 16 -26.66 -44.88 26.82
N SER C 17 -26.79 -45.73 25.80
CA SER C 17 -27.51 -46.99 25.93
C SER C 17 -26.80 -47.92 26.90
N TYR C 18 -27.55 -48.69 27.66
CA TYR C 18 -26.95 -49.65 28.58
C TYR C 18 -26.76 -50.96 27.82
N PHE C 19 -27.46 -51.09 26.70
CA PHE C 19 -27.44 -52.32 25.91
C PHE C 19 -26.80 -52.32 24.54
N ILE C 20 -27.00 -51.25 23.78
CA ILE C 20 -26.47 -51.23 22.44
C ILE C 20 -25.17 -50.50 22.33
N ASP C 21 -24.22 -51.12 21.63
CA ASP C 21 -22.90 -50.54 21.42
C ASP C 21 -23.08 -49.11 20.92
N THR C 22 -22.02 -48.34 21.02
CA THR C 22 -22.08 -46.97 20.56
C THR C 22 -20.95 -46.74 19.58
N ASP C 23 -20.80 -45.51 19.12
CA ASP C 23 -19.73 -45.18 18.19
C ASP C 23 -19.50 -43.69 18.18
N LEU C 24 -18.52 -43.26 17.41
CA LEU C 24 -18.16 -41.85 17.30
C LEU C 24 -19.35 -40.88 17.34
N ASN C 25 -20.23 -40.97 16.36
CA ASN C 25 -21.38 -40.08 16.27
C ASN C 25 -22.27 -40.04 17.50
N GLN C 26 -22.57 -41.20 18.07
CA GLN C 26 -23.44 -41.24 19.24
C GLN C 26 -22.82 -40.73 20.53
N LEU C 27 -21.55 -41.03 20.75
CA LEU C 27 -20.92 -40.61 22.00
C LEU C 27 -20.70 -39.09 22.04
N LYS C 28 -20.37 -38.50 20.89
CA LYS C 28 -20.17 -37.06 20.82
C LYS C 28 -21.45 -36.37 21.27
N GLU C 29 -22.59 -36.94 20.85
CA GLU C 29 -23.90 -36.39 21.21
C GLU C 29 -24.10 -36.44 22.72
N VAL C 30 -23.76 -37.58 23.31
CA VAL C 30 -23.92 -37.75 24.76
C VAL C 30 -23.04 -36.77 25.54
N PHE C 31 -21.78 -36.65 25.14
CA PHE C 31 -20.84 -35.75 25.83
C PHE C 31 -21.29 -34.29 25.76
N SER C 32 -21.51 -33.80 24.55
CA SER C 32 -21.95 -32.41 24.38
C SER C 32 -23.13 -32.12 25.31
N GLY C 33 -23.97 -33.12 25.54
CA GLY C 33 -25.11 -32.95 26.43
C GLY C 33 -24.68 -32.78 27.88
N ILE C 34 -23.44 -33.17 28.19
CA ILE C 34 -22.92 -33.04 29.54
C ILE C 34 -22.19 -31.69 29.62
N LYS C 35 -22.62 -30.83 30.53
CA LYS C 35 -21.98 -29.53 30.69
C LYS C 35 -21.35 -29.34 32.06
#